data_2H03
#
_entry.id   2H03
#
_cell.length_a   112.316
_cell.length_b   38.934
_cell.length_c   66.062
_cell.angle_alpha   90.00
_cell.angle_beta   103.91
_cell.angle_gamma   90.00
#
_symmetry.space_group_name_H-M   'C 1 2 1'
#
loop_
_entity.id
_entity.type
_entity.pdbx_description
1 polymer 'Protein tyrosine phosphatase, receptor type, B,'
2 non-polymer 'CHLORIDE ION'
3 non-polymer 'MAGNESIUM ION'
4 non-polymer '(4-{4-[(TERT-BUTOXYCARBONYL)AMINO]-2,2-BIS(ETHOXYCARBONYL)BUTYL}PHENYL)SULFAMIC ACID'
5 water water
#
_entity_poly.entity_id   1
_entity_poly.type   'polypeptide(L)'
_entity_poly.pdbx_seq_one_letter_code
;SNRKTSCPIKINQFEGHFMKLQADSNYLLSKEYEELKDVGRNQSCDIALLPENRGKNRYNNILPYDATRVKLSGGSDYIN
ASYIPGNNFRREYIVTQGPLPGTKDDFWKMVWEQNVHNIVMVTQCVEKGRVKCDHYWPADQDSLYYGDLILQMLSESVLP
EWTIREFKICGEEQLDAHRLIRHFHYTVWPDHGVPETTQSLIQFVRTVRDYINRSPGAGPTVVHCSAGVGRTGTFIALDR
ILQQLDSKDSVDIYGAVHDLRLHRVHMVQTECQYVYLHQCVRDVLRARKLR
;
_entity_poly.pdbx_strand_id   A
#
# COMPACT_ATOMS: atom_id res chain seq x y z
N LYS A 4 -0.06 -6.17 -23.65
CA LYS A 4 0.97 -5.36 -22.93
C LYS A 4 1.19 -5.88 -21.51
N THR A 5 2.44 -6.14 -21.16
CA THR A 5 2.83 -6.46 -19.78
C THR A 5 3.64 -5.27 -19.20
N SER A 6 4.17 -4.45 -20.11
CA SER A 6 5.14 -3.41 -19.78
C SER A 6 5.09 -2.32 -20.87
N CYS A 7 5.20 -1.04 -20.50
CA CYS A 7 5.33 0.05 -21.48
C CYS A 7 6.43 1.02 -21.04
N PRO A 8 7.70 0.64 -21.22
CA PRO A 8 8.78 1.51 -20.76
C PRO A 8 8.86 2.78 -21.61
N ILE A 9 9.23 3.86 -20.94
CA ILE A 9 9.42 5.17 -21.56
C ILE A 9 10.83 5.64 -21.21
N LYS A 10 11.60 6.04 -22.21
CA LYS A 10 12.98 6.52 -21.95
C LYS A 10 12.82 7.81 -21.18
N ILE A 11 13.62 8.03 -20.14
CA ILE A 11 13.34 9.22 -19.33
C ILE A 11 13.45 10.52 -20.13
N ASN A 12 14.35 10.55 -21.11
CA ASN A 12 14.51 11.77 -21.91
C ASN A 12 13.31 12.04 -22.81
N GLN A 13 12.45 11.03 -22.99
CA GLN A 13 11.24 11.16 -23.78
C GLN A 13 9.98 11.36 -22.95
N PHE A 14 10.12 11.33 -21.62
CA PHE A 14 8.93 11.27 -20.80
C PHE A 14 8.02 12.50 -20.91
N GLU A 15 8.61 13.68 -20.87
CA GLU A 15 7.84 14.91 -20.91
C GLU A 15 6.91 14.90 -22.13
N GLY A 16 7.48 14.69 -23.31
CA GLY A 16 6.68 14.69 -24.54
C GLY A 16 5.71 13.52 -24.59
N HIS A 17 6.18 12.33 -24.18
CA HIS A 17 5.29 11.17 -24.16
C HIS A 17 4.06 11.42 -23.27
N PHE A 18 4.28 12.00 -22.09
CA PHE A 18 3.16 12.36 -21.23
C PHE A 18 2.18 13.38 -21.86
N MET A 19 2.69 14.36 -22.60
CA MET A 19 1.83 15.31 -23.29
CA MET A 19 1.85 15.31 -23.31
C MET A 19 1.00 14.58 -24.35
N LYS A 20 1.60 13.65 -25.07
CA LYS A 20 0.86 12.78 -25.99
C LYS A 20 -0.19 11.90 -25.31
N LEU A 21 0.13 11.34 -24.15
CA LEU A 21 -0.84 10.53 -23.42
C LEU A 21 -2.05 11.36 -22.96
N GLN A 22 -1.84 12.65 -22.72
CA GLN A 22 -2.88 13.52 -22.20
C GLN A 22 -3.70 14.14 -23.34
N ALA A 23 -3.17 14.07 -24.56
CA ALA A 23 -3.85 14.68 -25.72
C ALA A 23 -5.26 14.13 -25.89
N ASP A 24 -6.14 14.93 -26.50
CA ASP A 24 -7.51 14.51 -26.77
CA ASP A 24 -7.51 14.50 -26.77
C ASP A 24 -8.20 13.96 -25.52
N SER A 25 -8.20 14.76 -24.45
CA SER A 25 -8.82 14.39 -23.19
C SER A 25 -8.33 13.07 -22.59
N ASN A 26 -7.00 12.96 -22.43
CA ASN A 26 -6.39 11.75 -21.88
C ASN A 26 -6.76 10.49 -22.70
N TYR A 27 -6.94 10.60 -24.01
CA TYR A 27 -7.37 9.44 -24.79
C TYR A 27 -6.45 8.21 -24.66
N LEU A 28 -5.13 8.41 -24.84
CA LEU A 28 -4.22 7.27 -24.79
C LEU A 28 -3.97 6.77 -23.36
N LEU A 29 -3.99 7.69 -22.41
CA LEU A 29 -3.92 7.28 -21.01
CA LEU A 29 -3.92 7.30 -20.99
C LEU A 29 -5.12 6.42 -20.63
N SER A 30 -6.32 6.80 -21.09
CA SER A 30 -7.49 5.99 -20.76
C SER A 30 -7.41 4.61 -21.39
N LYS A 31 -6.96 4.56 -22.64
CA LYS A 31 -6.80 3.29 -23.36
C LYS A 31 -5.87 2.35 -22.58
N GLU A 32 -4.75 2.88 -22.11
CA GLU A 32 -3.84 2.10 -21.28
C GLU A 32 -4.48 1.59 -20.00
N TYR A 33 -5.10 2.52 -19.25
CA TYR A 33 -5.68 2.16 -17.97
C TYR A 33 -6.71 1.03 -18.15
N GLU A 34 -7.46 1.10 -19.24
CA GLU A 34 -8.50 0.13 -19.52
C GLU A 34 -7.93 -1.26 -19.85
N GLU A 35 -6.76 -1.27 -20.47
CA GLU A 35 -6.04 -2.50 -20.82
C GLU A 35 -5.64 -3.24 -19.53
N LEU A 36 -5.48 -2.51 -18.43
CA LEU A 36 -5.14 -3.12 -17.14
C LEU A 36 -6.37 -3.74 -16.45
N LYS A 37 -7.55 -3.48 -16.98
CA LYS A 37 -8.78 -3.81 -16.24
C LYS A 37 -8.87 -5.27 -15.78
N ASP A 38 -8.49 -6.22 -16.63
CA ASP A 38 -8.68 -7.64 -16.31
C ASP A 38 -7.38 -8.34 -15.88
N VAL A 39 -6.31 -7.59 -15.71
CA VAL A 39 -5.06 -8.21 -15.29
C VAL A 39 -5.20 -8.86 -13.91
N GLY A 40 -4.73 -10.09 -13.81
CA GLY A 40 -4.75 -10.82 -12.56
C GLY A 40 -6.06 -11.55 -12.28
N ARG A 41 -7.12 -11.22 -13.03
CA ARG A 41 -8.47 -11.66 -12.64
C ARG A 41 -8.74 -13.13 -12.97
N ASN A 42 -7.73 -13.79 -13.52
CA ASN A 42 -7.78 -15.22 -13.79
C ASN A 42 -7.26 -16.06 -12.62
N GLN A 43 -7.50 -15.58 -11.41
CA GLN A 43 -7.09 -16.27 -10.22
C GLN A 43 -8.28 -16.44 -9.30
N SER A 44 -8.24 -17.52 -8.51
CA SER A 44 -9.31 -17.82 -7.58
C SER A 44 -9.29 -16.95 -6.31
N CYS A 45 -10.48 -16.61 -5.83
CA CYS A 45 -10.64 -16.02 -4.50
C CYS A 45 -11.47 -16.93 -3.60
N ASP A 46 -11.09 -18.20 -3.59
CA ASP A 46 -11.91 -19.27 -2.99
C ASP A 46 -11.95 -19.22 -1.46
N ILE A 47 -10.78 -19.23 -0.81
CA ILE A 47 -10.72 -19.16 0.65
C ILE A 47 -11.45 -17.90 1.16
N ALA A 48 -11.17 -16.77 0.52
CA ALA A 48 -11.87 -15.53 0.85
C ALA A 48 -13.39 -15.56 0.73
N LEU A 49 -13.93 -16.42 -0.12
CA LEU A 49 -15.36 -16.46 -0.40
C LEU A 49 -16.11 -17.45 0.51
N LEU A 50 -15.36 -18.22 1.30
CA LEU A 50 -15.99 -19.10 2.31
C LEU A 50 -16.93 -18.37 3.26
N PRO A 51 -18.10 -18.95 3.53
CA PRO A 51 -19.03 -18.29 4.44
C PRO A 51 -18.38 -17.93 5.78
N GLU A 52 -17.44 -18.75 6.25
CA GLU A 52 -16.84 -18.51 7.56
C GLU A 52 -15.89 -17.30 7.53
N ASN A 53 -15.52 -16.86 6.33
CA ASN A 53 -14.60 -15.74 6.17
C ASN A 53 -15.29 -14.45 5.73
N ARG A 54 -16.58 -14.57 5.43
CA ARG A 54 -17.39 -13.45 4.93
C ARG A 54 -17.29 -12.21 5.82
N GLY A 55 -17.43 -12.37 7.14
CA GLY A 55 -17.43 -11.24 8.06
C GLY A 55 -16.03 -10.68 8.31
N LYS A 56 -15.00 -11.32 7.76
CA LYS A 56 -13.61 -10.85 7.87
C LYS A 56 -13.21 -9.93 6.71
N ASN A 57 -14.11 -9.73 5.75
CA ASN A 57 -13.87 -8.86 4.60
C ASN A 57 -14.61 -7.53 4.74
N ARG A 58 -13.90 -6.41 4.65
CA ARG A 58 -14.59 -5.12 4.78
C ARG A 58 -15.54 -4.86 3.61
N TYR A 59 -15.09 -5.23 2.41
CA TYR A 59 -15.81 -5.00 1.16
C TYR A 59 -15.86 -6.38 0.48
N ASN A 60 -17.08 -6.89 0.26
CA ASN A 60 -17.18 -8.25 -0.26
CA ASN A 60 -17.30 -8.22 -0.32
C ASN A 60 -16.72 -8.44 -1.71
N ASN A 61 -16.54 -7.36 -2.47
CA ASN A 61 -15.93 -7.42 -3.82
C ASN A 61 -14.40 -7.35 -3.82
N ILE A 62 -13.81 -6.97 -2.70
CA ILE A 62 -12.36 -6.78 -2.62
C ILE A 62 -11.74 -7.89 -1.76
N LEU A 63 -11.28 -8.95 -2.42
CA LEU A 63 -10.83 -10.20 -1.80
C LEU A 63 -9.45 -10.60 -2.27
N PRO A 64 -8.63 -11.20 -1.40
CA PRO A 64 -7.29 -11.62 -1.79
C PRO A 64 -7.37 -12.89 -2.62
N TYR A 65 -6.50 -13.00 -3.61
CA TYR A 65 -6.36 -14.26 -4.37
C TYR A 65 -5.77 -15.38 -3.53
N ASP A 66 -6.17 -16.62 -3.80
CA ASP A 66 -5.64 -17.72 -3.02
C ASP A 66 -4.13 -17.83 -3.11
N ALA A 67 -3.60 -17.58 -4.31
CA ALA A 67 -2.19 -17.79 -4.61
C ALA A 67 -1.29 -16.76 -3.93
N THR A 68 -1.87 -15.66 -3.45
CA THR A 68 -1.04 -14.60 -2.89
C THR A 68 -1.50 -14.14 -1.52
N ARG A 69 -2.54 -14.77 -0.95
CA ARG A 69 -3.03 -14.38 0.38
C ARG A 69 -2.06 -14.66 1.51
N VAL A 70 -2.16 -13.87 2.58
CA VAL A 70 -1.32 -14.08 3.75
C VAL A 70 -2.09 -15.02 4.67
N LYS A 71 -1.39 -16.07 5.12
CA LYS A 71 -1.97 -17.04 6.02
C LYS A 71 -1.56 -16.86 7.45
N LEU A 72 -2.54 -16.82 8.35
CA LEU A 72 -2.24 -16.79 9.77
C LEU A 72 -1.98 -18.23 10.26
N SER A 73 -1.14 -18.34 11.28
CA SER A 73 -0.91 -19.65 11.89
C SER A 73 -2.18 -20.12 12.56
N GLY A 74 -2.33 -21.44 12.66
CA GLY A 74 -3.39 -22.05 13.46
C GLY A 74 -4.64 -22.34 12.64
N GLY A 75 -5.76 -22.51 13.36
CA GLY A 75 -6.95 -23.14 12.80
C GLY A 75 -7.86 -22.26 11.96
N SER A 76 -7.89 -20.96 12.22
CA SER A 76 -8.44 -20.03 11.24
C SER A 76 -7.34 -19.13 10.68
N ASP A 77 -6.93 -19.49 9.48
CA ASP A 77 -5.76 -18.91 8.83
C ASP A 77 -6.05 -17.64 8.01
N TYR A 78 -7.30 -17.20 7.98
CA TYR A 78 -7.72 -16.16 7.02
C TYR A 78 -7.59 -14.71 7.49
N ILE A 79 -6.97 -13.89 6.64
CA ILE A 79 -7.03 -12.41 6.75
C ILE A 79 -7.11 -11.85 5.32
N ASN A 80 -7.83 -10.75 5.17
CA ASN A 80 -7.90 -10.08 3.88
C ASN A 80 -6.59 -9.29 3.70
N ALA A 81 -5.57 -9.96 3.17
CA ALA A 81 -4.25 -9.39 3.01
C ALA A 81 -3.54 -10.20 1.94
N SER A 82 -2.68 -9.53 1.18
CA SER A 82 -2.01 -10.17 0.04
C SER A 82 -0.54 -9.83 0.06
N TYR A 83 0.31 -10.79 -0.31
CA TYR A 83 1.72 -10.52 -0.44
C TYR A 83 1.98 -9.89 -1.81
N ILE A 84 2.84 -8.86 -1.85
CA ILE A 84 3.36 -8.32 -3.08
C ILE A 84 4.86 -8.65 -3.16
N PRO A 85 5.28 -9.42 -4.18
CA PRO A 85 6.69 -9.75 -4.25
C PRO A 85 7.46 -8.50 -4.69
N GLY A 86 8.74 -8.46 -4.33
CA GLY A 86 9.68 -7.46 -4.76
C GLY A 86 10.37 -7.87 -6.05
N ASN A 87 11.16 -6.96 -6.60
CA ASN A 87 11.92 -7.30 -7.81
C ASN A 87 13.01 -8.32 -7.54
N ASN A 88 13.44 -8.41 -6.28
CA ASN A 88 14.57 -9.23 -5.95
C ASN A 88 14.24 -10.44 -5.05
N PHE A 89 13.12 -10.36 -4.36
CA PHE A 89 12.76 -11.43 -3.41
C PHE A 89 11.27 -11.26 -3.07
N ARG A 90 10.65 -12.34 -2.60
CA ARG A 90 9.21 -12.36 -2.30
C ARG A 90 8.88 -11.43 -1.15
N ARG A 91 7.59 -11.14 -0.99
CA ARG A 91 7.05 -10.52 0.21
C ARG A 91 7.72 -9.19 0.52
N GLU A 92 7.88 -8.31 -0.47
CA GLU A 92 8.37 -6.96 -0.16
C GLU A 92 7.33 -6.17 0.64
N TYR A 93 6.07 -6.35 0.26
CA TYR A 93 4.96 -5.73 0.98
C TYR A 93 3.88 -6.74 1.34
N ILE A 94 3.10 -6.41 2.37
CA ILE A 94 1.79 -7.01 2.56
C ILE A 94 0.77 -5.90 2.44
N VAL A 95 -0.20 -6.08 1.57
CA VAL A 95 -1.24 -5.10 1.39
C VAL A 95 -2.50 -5.64 2.06
N THR A 96 -3.22 -4.80 2.79
CA THR A 96 -4.38 -5.31 3.51
C THR A 96 -5.44 -4.20 3.62
N GLN A 97 -6.65 -4.59 4.02
CA GLN A 97 -7.74 -3.62 4.21
C GLN A 97 -7.56 -2.95 5.57
N GLY A 98 -8.28 -1.85 5.81
CA GLY A 98 -8.33 -1.30 7.16
C GLY A 98 -8.99 -2.31 8.09
N PRO A 99 -8.31 -2.68 9.19
CA PRO A 99 -8.92 -3.69 10.06
C PRO A 99 -10.32 -3.35 10.58
N LEU A 100 -11.13 -4.40 10.76
CA LEU A 100 -12.48 -4.30 11.33
C LEU A 100 -12.40 -4.60 12.86
N PRO A 101 -13.45 -4.27 13.62
CA PRO A 101 -13.44 -4.63 15.04
C PRO A 101 -13.06 -6.09 15.26
N GLY A 102 -13.57 -6.97 14.40
CA GLY A 102 -13.35 -8.42 14.50
C GLY A 102 -12.08 -8.94 13.85
N THR A 103 -11.26 -8.04 13.30
CA THR A 103 -9.98 -8.43 12.68
C THR A 103 -8.76 -7.67 13.22
N LYS A 104 -8.95 -6.81 14.22
CA LYS A 104 -7.81 -6.17 14.86
C LYS A 104 -6.76 -7.19 15.36
N ASP A 105 -7.21 -8.24 16.05
CA ASP A 105 -6.23 -9.22 16.56
C ASP A 105 -5.50 -9.90 15.43
N ASP A 106 -6.24 -10.22 14.35
CA ASP A 106 -5.66 -10.86 13.18
C ASP A 106 -4.61 -9.96 12.53
N PHE A 107 -4.89 -8.66 12.51
CA PHE A 107 -3.94 -7.72 11.88
C PHE A 107 -2.64 -7.77 12.68
N TRP A 108 -2.70 -7.74 14.02
CA TRP A 108 -1.47 -7.66 14.81
C TRP A 108 -0.78 -9.02 14.83
N LYS A 109 -1.58 -10.09 14.72
CA LYS A 109 -1.01 -11.45 14.63
C LYS A 109 -0.19 -11.54 13.33
N MET A 110 -0.73 -11.01 12.24
CA MET A 110 -0.03 -10.99 10.98
C MET A 110 1.27 -10.17 11.10
N VAL A 111 1.16 -8.99 11.69
CA VAL A 111 2.34 -8.17 11.96
C VAL A 111 3.46 -8.93 12.68
N TRP A 112 3.07 -9.65 13.72
CA TRP A 112 4.05 -10.34 14.55
C TRP A 112 4.65 -11.53 13.78
N GLU A 113 3.78 -12.35 13.21
CA GLU A 113 4.19 -13.60 12.53
C GLU A 113 5.02 -13.35 11.28
N GLN A 114 4.72 -12.24 10.61
CA GLN A 114 5.43 -11.92 9.37
C GLN A 114 6.62 -11.00 9.61
N ASN A 115 6.99 -10.77 10.87
CA ASN A 115 8.17 -9.96 11.23
CA ASN A 115 8.21 -10.00 11.13
C ASN A 115 8.14 -8.54 10.65
N VAL A 116 6.94 -7.98 10.59
CA VAL A 116 6.77 -6.60 10.12
C VAL A 116 7.29 -5.59 11.16
N HIS A 117 8.02 -4.60 10.67
CA HIS A 117 8.52 -3.51 11.49
C HIS A 117 7.99 -2.17 11.07
N ASN A 118 7.45 -2.08 9.86
CA ASN A 118 6.93 -0.79 9.37
C ASN A 118 5.55 -0.96 8.77
N ILE A 119 4.63 -0.07 9.17
CA ILE A 119 3.25 -0.04 8.67
C ILE A 119 2.99 1.31 8.07
N VAL A 120 2.41 1.31 6.86
CA VAL A 120 2.05 2.55 6.16
C VAL A 120 0.52 2.55 6.06
N MET A 121 -0.13 3.60 6.56
CA MET A 121 -1.58 3.73 6.51
C MET A 121 -1.89 4.98 5.69
N VAL A 122 -2.65 4.81 4.60
CA VAL A 122 -2.95 5.89 3.67
C VAL A 122 -4.45 6.15 3.58
N THR A 123 -5.14 5.98 4.70
CA THR A 123 -6.55 6.38 4.81
C THR A 123 -6.68 7.13 6.13
N GLN A 124 -7.70 7.98 6.22
CA GLN A 124 -8.29 8.28 7.52
C GLN A 124 -9.26 7.24 8.06
N CYS A 125 -9.48 7.20 9.38
CA CYS A 125 -10.41 6.23 9.95
C CYS A 125 -11.85 6.51 9.55
N VAL A 126 -12.20 7.79 9.47
CA VAL A 126 -13.56 8.17 9.11
C VAL A 126 -13.45 9.15 7.97
N GLU A 127 -14.19 8.91 6.89
CA GLU A 127 -14.16 9.77 5.72
C GLU A 127 -15.58 9.95 5.23
N LYS A 128 -15.93 11.18 4.87
CA LYS A 128 -17.29 11.51 4.45
C LYS A 128 -18.32 10.79 5.33
N GLY A 129 -18.12 10.85 6.64
CA GLY A 129 -19.04 10.31 7.63
C GLY A 129 -19.14 8.79 7.77
N ARG A 130 -18.32 8.05 7.03
CA ARG A 130 -18.31 6.58 7.07
C ARG A 130 -17.03 6.07 7.76
N VAL A 131 -17.14 5.00 8.55
CA VAL A 131 -15.94 4.35 9.07
C VAL A 131 -15.24 3.61 7.93
N LYS A 132 -13.96 3.93 7.72
CA LYS A 132 -13.18 3.33 6.62
C LYS A 132 -12.11 2.39 7.19
N CYS A 133 -11.78 2.56 8.46
CA CYS A 133 -10.73 1.73 9.05
C CYS A 133 -10.92 1.90 10.54
N ASP A 134 -10.91 0.79 11.28
CA ASP A 134 -11.16 0.91 12.71
C ASP A 134 -9.89 1.34 13.42
N HIS A 135 -9.99 1.88 14.63
CA HIS A 135 -8.80 2.49 15.28
C HIS A 135 -8.13 1.36 16.02
N TYR A 136 -7.17 0.72 15.35
CA TYR A 136 -6.75 -0.61 15.75
C TYR A 136 -5.51 -0.56 16.64
N TRP A 137 -5.10 0.63 17.07
CA TRP A 137 -3.97 0.71 18.02
C TRP A 137 -4.45 1.44 19.27
N PRO A 138 -3.67 1.37 20.36
CA PRO A 138 -4.15 1.99 21.58
C PRO A 138 -4.45 3.48 21.44
N ALA A 139 -5.45 3.94 22.18
CA ALA A 139 -5.89 5.34 22.09
C ALA A 139 -4.97 6.21 22.96
N ASP A 140 -4.40 5.61 23.99
CA ASP A 140 -3.58 6.40 24.91
C ASP A 140 -2.24 5.71 25.12
N GLN A 141 -1.62 5.94 26.28
CA GLN A 141 -0.32 5.32 26.51
C GLN A 141 -0.38 4.02 27.30
N ASP A 142 -1.58 3.51 27.62
CA ASP A 142 -1.66 2.24 28.34
C ASP A 142 -1.50 1.03 27.39
N SER A 143 -0.81 -0.01 27.85
CA SER A 143 -0.72 -1.31 27.15
C SER A 143 -2.11 -1.89 26.91
N LEU A 144 -2.33 -2.57 25.79
CA LEU A 144 -3.54 -3.37 25.56
C LEU A 144 -3.11 -4.73 25.02
N TYR A 145 -3.82 -5.78 25.40
CA TYR A 145 -3.74 -7.05 24.67
C TYR A 145 -4.59 -7.00 23.40
N TYR A 146 -4.02 -7.56 22.33
CA TYR A 146 -4.79 -7.86 21.13
C TYR A 146 -4.54 -9.34 20.92
N GLY A 147 -5.47 -10.16 21.37
CA GLY A 147 -5.25 -11.61 21.29
C GLY A 147 -4.10 -11.96 22.21
N ASP A 148 -3.06 -12.60 21.65
CA ASP A 148 -1.92 -13.04 22.45
C ASP A 148 -0.72 -12.09 22.45
N LEU A 149 -0.93 -10.89 21.91
CA LEU A 149 0.12 -9.87 21.84
C LEU A 149 -0.24 -8.68 22.70
N ILE A 150 0.78 -8.05 23.24
CA ILE A 150 0.60 -6.83 24.01
C ILE A 150 1.17 -5.67 23.21
N LEU A 151 0.41 -4.58 23.10
CA LEU A 151 0.80 -3.44 22.24
C LEU A 151 0.81 -2.21 23.13
N GLN A 152 1.88 -1.43 23.07
CA GLN A 152 1.97 -0.14 23.76
C GLN A 152 2.46 0.95 22.79
N MET A 153 1.79 2.10 22.78
CA MET A 153 2.30 3.22 22.00
C MET A 153 3.44 3.91 22.74
N LEU A 154 4.55 4.16 22.06
CA LEU A 154 5.72 4.78 22.70
C LEU A 154 5.82 6.26 22.33
N SER A 155 5.39 6.60 21.12
CA SER A 155 5.47 7.99 20.66
C SER A 155 4.45 8.24 19.57
N GLU A 156 4.04 9.50 19.47
CA GLU A 156 3.19 9.96 18.39
C GLU A 156 3.63 11.36 17.97
N SER A 157 4.09 11.46 16.73
CA SER A 157 4.70 12.69 16.22
C SER A 157 3.84 13.17 15.06
N VAL A 158 3.05 14.22 15.29
CA VAL A 158 2.19 14.73 14.24
C VAL A 158 3.02 15.71 13.42
N LEU A 159 3.13 15.43 12.12
CA LEU A 159 3.81 16.31 11.20
C LEU A 159 2.76 16.91 10.24
N PRO A 160 3.13 17.88 9.38
CA PRO A 160 2.12 18.58 8.56
C PRO A 160 1.19 17.70 7.77
N GLU A 161 1.72 16.65 7.14
CA GLU A 161 0.87 15.84 6.25
C GLU A 161 0.89 14.35 6.56
N TRP A 162 1.68 13.96 7.57
CA TRP A 162 1.59 12.59 8.07
C TRP A 162 1.99 12.53 9.54
N THR A 163 1.63 11.44 10.21
CA THR A 163 1.95 11.31 11.63
C THR A 163 2.73 10.02 11.78
N ILE A 164 3.80 10.07 12.56
CA ILE A 164 4.60 8.85 12.76
C ILE A 164 4.43 8.38 14.21
N ARG A 165 4.04 7.12 14.37
CA ARG A 165 3.85 6.54 15.74
C ARG A 165 4.82 5.40 15.90
N GLU A 166 5.29 5.17 17.12
CA GLU A 166 6.14 4.02 17.39
C GLU A 166 5.43 3.22 18.47
N PHE A 167 5.41 1.92 18.25
CA PHE A 167 4.79 0.99 19.20
C PHE A 167 5.82 -0.03 19.63
N LYS A 168 5.61 -0.59 20.81
CA LYS A 168 6.36 -1.79 21.18
C LYS A 168 5.34 -2.93 21.17
N ILE A 169 5.71 -4.09 20.64
CA ILE A 169 4.80 -5.22 20.68
C ILE A 169 5.55 -6.39 21.31
N CYS A 170 4.89 -7.14 22.21
CA CYS A 170 5.46 -8.28 22.98
C CYS A 170 4.52 -9.47 22.69
N GLY A 171 5.03 -10.68 22.45
CA GLY A 171 4.21 -11.89 22.68
C GLY A 171 4.03 -12.14 24.17
N GLU A 172 2.80 -12.41 24.60
CA GLU A 172 2.50 -12.53 26.04
C GLU A 172 3.31 -13.61 26.76
N GLU A 173 3.81 -14.59 26.03
CA GLU A 173 4.53 -15.70 26.66
C GLU A 173 6.03 -15.45 26.80
N GLN A 174 6.47 -14.30 26.28
CA GLN A 174 7.89 -13.97 26.23
C GLN A 174 8.02 -12.45 26.13
N LEU A 175 7.88 -11.80 27.28
CA LEU A 175 7.75 -10.36 27.39
C LEU A 175 9.09 -9.67 27.13
N ASP A 176 10.17 -10.44 27.31
CA ASP A 176 11.52 -9.96 27.01
C ASP A 176 11.78 -9.75 25.52
N ALA A 177 11.08 -10.49 24.68
CA ALA A 177 11.38 -10.48 23.25
C ALA A 177 10.51 -9.49 22.50
N HIS A 178 10.67 -8.19 22.77
CA HIS A 178 9.78 -7.22 22.12
C HIS A 178 10.31 -6.76 20.78
N ARG A 179 9.46 -6.05 20.05
CA ARG A 179 9.81 -5.50 18.74
CA ARG A 179 9.84 -5.49 18.76
C ARG A 179 9.30 -4.08 18.69
N LEU A 180 10.06 -3.20 18.02
CA LEU A 180 9.57 -1.83 17.85
C LEU A 180 8.95 -1.78 16.44
N ILE A 181 7.77 -1.19 16.36
CA ILE A 181 7.02 -1.08 15.11
C ILE A 181 6.89 0.43 14.83
N ARG A 182 7.16 0.83 13.60
CA ARG A 182 6.96 2.24 13.24
C ARG A 182 5.75 2.29 12.30
N HIS A 183 4.90 3.29 12.50
CA HIS A 183 3.62 3.36 11.79
C HIS A 183 3.55 4.75 11.15
N PHE A 184 3.39 4.80 9.82
CA PHE A 184 3.44 6.06 9.05
C PHE A 184 2.05 6.33 8.49
N HIS A 185 1.39 7.38 8.99
CA HIS A 185 -0.01 7.59 8.69
C HIS A 185 -0.13 8.87 7.87
N TYR A 186 -0.45 8.73 6.60
CA TYR A 186 -0.48 9.90 5.69
C TYR A 186 -1.93 10.40 5.82
N THR A 187 -2.09 11.67 6.15
CA THR A 187 -3.39 12.08 6.66
C THR A 187 -4.23 12.87 5.67
N VAL A 188 -3.70 13.07 4.47
CA VAL A 188 -4.27 14.00 3.48
C VAL A 188 -4.57 13.41 2.09
N TRP A 189 -5.10 12.19 2.05
CA TRP A 189 -5.43 11.51 0.77
C TRP A 189 -6.90 11.07 0.66
N PRO A 190 -7.73 11.82 -0.07
CA PRO A 190 -9.14 11.43 -0.16
C PRO A 190 -9.42 10.10 -0.86
N ASP A 191 -10.39 9.34 -0.34
CA ASP A 191 -10.69 8.06 -0.95
C ASP A 191 -11.11 8.25 -2.40
N HIS A 192 -10.72 7.31 -3.28
CA HIS A 192 -10.97 7.40 -4.73
C HIS A 192 -10.32 8.58 -5.43
N GLY A 193 -9.35 9.22 -4.77
CA GLY A 193 -8.81 10.47 -5.26
C GLY A 193 -7.31 10.46 -5.15
N VAL A 194 -6.73 11.64 -5.15
CA VAL A 194 -5.28 11.79 -5.14
C VAL A 194 -4.95 12.89 -4.15
N PRO A 195 -3.73 12.89 -3.62
CA PRO A 195 -3.29 14.02 -2.82
C PRO A 195 -3.23 15.32 -3.62
N GLU A 196 -3.28 16.44 -2.89
CA GLU A 196 -3.34 17.76 -3.49
C GLU A 196 -2.13 18.12 -4.34
N THR A 197 -0.95 17.60 -3.98
CA THR A 197 0.27 17.85 -4.75
C THR A 197 0.98 16.53 -5.04
N THR A 198 1.77 16.52 -6.11
CA THR A 198 2.73 15.41 -6.28
C THR A 198 3.82 15.47 -5.21
N GLN A 199 4.21 16.68 -4.78
CA GLN A 199 5.41 16.83 -3.92
C GLN A 199 5.22 16.09 -2.60
N SER A 200 4.00 16.22 -2.07
CA SER A 200 3.67 15.64 -0.78
C SER A 200 3.82 14.13 -0.77
N LEU A 201 3.22 13.42 -1.73
CA LEU A 201 3.30 11.95 -1.73
C LEU A 201 4.70 11.49 -2.10
N ILE A 202 5.36 12.21 -3.02
CA ILE A 202 6.73 11.85 -3.35
C ILE A 202 7.60 11.92 -2.09
N GLN A 203 7.45 12.96 -1.30
CA GLN A 203 8.30 13.10 -0.11
C GLN A 203 7.91 12.07 0.94
N PHE A 204 6.63 11.75 1.04
CA PHE A 204 6.19 10.71 2.00
C PHE A 204 6.79 9.37 1.61
N VAL A 205 6.64 9.00 0.34
CA VAL A 205 7.23 7.74 -0.13
C VAL A 205 8.75 7.70 0.09
N ARG A 206 9.48 8.76 -0.28
CA ARG A 206 10.92 8.80 -0.04
C ARG A 206 11.30 8.68 1.42
N THR A 207 10.52 9.33 2.28
CA THR A 207 10.73 9.27 3.72
C THR A 207 10.59 7.83 4.23
N VAL A 208 9.51 7.15 3.86
CA VAL A 208 9.27 5.80 4.33
C VAL A 208 10.39 4.88 3.77
N ARG A 209 10.70 5.07 2.49
CA ARG A 209 11.76 4.28 1.83
C ARG A 209 13.08 4.47 2.56
N ASP A 210 13.40 5.71 2.93
CA ASP A 210 14.61 5.92 3.71
C ASP A 210 14.57 5.19 5.05
N TYR A 211 13.43 5.19 5.75
CA TYR A 211 13.33 4.47 7.01
C TYR A 211 13.46 2.96 6.81
N ILE A 212 12.84 2.45 5.75
CA ILE A 212 12.98 1.03 5.43
C ILE A 212 14.44 0.66 5.24
N ASN A 213 15.17 1.52 4.53
CA ASN A 213 16.52 1.18 4.11
C ASN A 213 17.46 1.15 5.31
N ARG A 214 17.05 1.78 6.41
CA ARG A 214 17.75 1.73 7.70
C ARG A 214 17.15 0.73 8.70
N SER A 215 16.11 -0.01 8.33
CA SER A 215 15.49 -1.03 9.19
C SER A 215 16.18 -2.39 9.04
N PRO A 216 17.39 -2.58 9.59
CA PRO A 216 18.36 -3.46 8.92
C PRO A 216 17.64 -4.71 8.44
N GLY A 217 17.38 -4.77 7.13
CA GLY A 217 16.31 -5.60 6.58
C GLY A 217 15.27 -5.88 7.66
N ALA A 218 14.03 -5.46 7.45
CA ALA A 218 12.94 -6.08 8.19
C ALA A 218 12.26 -7.13 7.33
N GLY A 219 11.11 -7.52 7.83
CA GLY A 219 10.11 -8.20 7.07
C GLY A 219 9.43 -7.28 6.07
N PRO A 220 8.33 -7.80 5.55
CA PRO A 220 7.54 -7.09 4.56
C PRO A 220 7.04 -5.80 5.21
N THR A 221 6.95 -4.76 4.41
CA THR A 221 6.28 -3.54 4.87
C THR A 221 4.78 -3.72 4.66
N VAL A 222 3.97 -3.46 5.69
CA VAL A 222 2.51 -3.47 5.52
C VAL A 222 2.04 -2.12 5.03
N VAL A 223 1.17 -2.12 4.02
CA VAL A 223 0.57 -0.89 3.55
C VAL A 223 -0.94 -1.15 3.47
N HIS A 224 -1.73 -0.22 4.00
CA HIS A 224 -3.18 -0.38 3.96
C HIS A 224 -3.88 0.94 3.85
N CYS A 225 -5.10 0.90 3.32
CA CYS A 225 -5.96 2.05 3.28
C CYS A 225 -7.29 1.56 3.82
N SER A 226 -8.38 1.75 3.09
CA SER A 226 -9.64 1.19 3.58
C SER A 226 -9.87 -0.19 2.94
N ALA A 227 -9.84 -0.26 1.61
CA ALA A 227 -9.97 -1.55 0.93
C ALA A 227 -8.62 -2.23 0.65
N GLY A 228 -7.52 -1.47 0.78
CA GLY A 228 -6.18 -1.99 0.50
C GLY A 228 -5.91 -2.18 -0.98
N VAL A 229 -6.50 -1.33 -1.82
CA VAL A 229 -6.24 -1.34 -3.26
C VAL A 229 -5.93 -0.03 -3.97
N GLY A 230 -6.75 1.00 -3.75
CA GLY A 230 -6.58 2.27 -4.48
C GLY A 230 -5.37 3.05 -4.01
N ARG A 231 -5.47 3.52 -2.79
CA ARG A 231 -4.44 4.39 -2.24
C ARG A 231 -3.22 3.52 -1.93
N THR A 232 -3.46 2.33 -1.39
CA THR A 232 -2.36 1.37 -1.15
C THR A 232 -1.59 1.06 -2.44
N GLY A 233 -2.30 0.75 -3.50
CA GLY A 233 -1.67 0.50 -4.79
C GLY A 233 -0.89 1.67 -5.35
N THR A 234 -1.48 2.86 -5.24
CA THR A 234 -0.81 4.05 -5.76
C THR A 234 0.48 4.35 -4.98
N PHE A 235 0.41 4.15 -3.66
CA PHE A 235 1.60 4.32 -2.83
C PHE A 235 2.73 3.36 -3.27
N ILE A 236 2.39 2.08 -3.42
CA ILE A 236 3.43 1.08 -3.71
C ILE A 236 3.93 1.33 -5.15
N ALA A 237 3.01 1.57 -6.09
CA ALA A 237 3.43 1.95 -7.44
C ALA A 237 4.43 3.11 -7.45
N LEU A 238 4.12 4.16 -6.70
CA LEU A 238 5.02 5.31 -6.65
C LEU A 238 6.36 4.94 -6.00
N ASP A 239 6.35 4.16 -4.94
CA ASP A 239 7.62 3.66 -4.38
C ASP A 239 8.46 2.94 -5.46
N ARG A 240 7.84 2.06 -6.25
CA ARG A 240 8.59 1.32 -7.25
C ARG A 240 9.09 2.27 -8.36
N ILE A 241 8.23 3.17 -8.82
CA ILE A 241 8.58 4.06 -9.93
C ILE A 241 9.73 5.01 -9.53
N LEU A 242 9.69 5.51 -8.30
CA LEU A 242 10.74 6.39 -7.81
C LEU A 242 12.07 5.64 -7.71
N GLN A 243 12.02 4.36 -7.33
CA GLN A 243 13.24 3.53 -7.34
C GLN A 243 13.74 3.32 -8.77
N GLN A 244 12.82 3.15 -9.73
CA GLN A 244 13.25 3.04 -11.14
C GLN A 244 13.96 4.30 -11.57
N LEU A 245 13.43 5.45 -11.19
CA LEU A 245 14.00 6.71 -11.66
C LEU A 245 15.41 6.87 -11.07
N ASP A 246 15.69 6.24 -9.93
CA ASP A 246 17.01 6.33 -9.36
C ASP A 246 17.98 5.30 -9.90
N SER A 247 17.48 4.36 -10.69
CA SER A 247 18.34 3.26 -11.13
C SER A 247 18.50 3.11 -12.62
N LYS A 248 17.47 3.50 -13.37
CA LYS A 248 17.40 3.21 -14.80
C LYS A 248 17.22 4.47 -15.63
N ASP A 249 17.46 4.35 -16.93
CA ASP A 249 17.17 5.49 -17.80
C ASP A 249 15.84 5.35 -18.57
N SER A 250 14.97 4.48 -18.05
CA SER A 250 13.60 4.33 -18.54
C SER A 250 12.71 4.11 -17.32
N VAL A 251 11.42 4.43 -17.47
CA VAL A 251 10.49 4.25 -16.37
C VAL A 251 9.28 3.50 -16.93
N ASP A 252 8.64 2.65 -16.14
CA ASP A 252 7.57 1.77 -16.68
C ASP A 252 6.41 1.81 -15.68
N ILE A 253 5.60 2.86 -15.81
CA ILE A 253 4.43 3.01 -14.94
C ILE A 253 3.37 1.95 -15.22
N TYR A 254 3.10 1.69 -16.49
CA TYR A 254 2.16 0.63 -16.84
C TYR A 254 2.59 -0.72 -16.25
N GLY A 255 3.88 -1.05 -16.37
CA GLY A 255 4.41 -2.34 -15.90
C GLY A 255 4.29 -2.40 -14.38
N ALA A 256 4.52 -1.29 -13.68
CA ALA A 256 4.42 -1.28 -12.22
C ALA A 256 3.00 -1.59 -11.77
N VAL A 257 2.01 -0.99 -12.42
CA VAL A 257 0.63 -1.20 -12.02
C VAL A 257 0.22 -2.61 -12.46
N HIS A 258 0.59 -3.01 -13.69
CA HIS A 258 0.34 -4.38 -14.12
C HIS A 258 0.83 -5.42 -13.10
N ASP A 259 2.08 -5.27 -12.67
CA ASP A 259 2.62 -6.23 -11.71
C ASP A 259 1.87 -6.23 -10.37
N LEU A 260 1.38 -5.09 -9.92
CA LEU A 260 0.58 -5.10 -8.72
C LEU A 260 -0.77 -5.80 -8.94
N ARG A 261 -1.42 -5.53 -10.08
CA ARG A 261 -2.70 -6.19 -10.37
C ARG A 261 -2.60 -7.70 -10.43
N LEU A 262 -1.43 -8.23 -10.83
CA LEU A 262 -1.23 -9.68 -10.79
C LEU A 262 -1.41 -10.26 -9.39
N HIS A 263 -1.25 -9.42 -8.37
CA HIS A 263 -1.22 -9.90 -6.98
C HIS A 263 -2.45 -9.56 -6.14
N ARG A 264 -3.19 -8.53 -6.55
CA ARG A 264 -4.43 -8.10 -5.86
C ARG A 264 -5.31 -7.27 -6.78
N VAL A 265 -6.62 -7.46 -6.66
CA VAL A 265 -7.58 -6.72 -7.48
C VAL A 265 -7.43 -5.21 -7.29
N HIS A 266 -7.72 -4.45 -8.35
CA HIS A 266 -7.94 -3.00 -8.26
C HIS A 266 -6.75 -2.16 -7.81
N MET A 267 -5.56 -2.74 -7.70
CA MET A 267 -4.42 -1.91 -7.31
C MET A 267 -4.24 -0.70 -8.26
N VAL A 268 -4.25 0.51 -7.71
CA VAL A 268 -4.41 1.76 -8.43
C VAL A 268 -5.82 1.77 -9.02
N GLN A 269 -6.77 2.22 -8.21
CA GLN A 269 -8.15 1.83 -8.40
C GLN A 269 -8.90 2.77 -9.36
N THR A 270 -8.36 3.97 -9.58
CA THR A 270 -9.02 4.94 -10.48
C THR A 270 -8.08 5.49 -11.53
N GLU A 271 -8.63 5.94 -12.65
CA GLU A 271 -7.82 6.50 -13.71
C GLU A 271 -7.10 7.74 -13.22
N CYS A 272 -7.73 8.56 -12.37
CA CYS A 272 -7.10 9.72 -11.74
CA CYS A 272 -7.01 9.72 -11.84
C CYS A 272 -5.80 9.34 -11.01
N GLN A 273 -5.86 8.22 -10.32
CA GLN A 273 -4.66 7.73 -9.61
C GLN A 273 -3.56 7.35 -10.60
N TYR A 274 -3.95 6.72 -11.70
CA TYR A 274 -2.98 6.38 -12.75
C TYR A 274 -2.35 7.64 -13.38
N VAL A 275 -3.18 8.64 -13.63
CA VAL A 275 -2.69 9.92 -14.14
C VAL A 275 -1.75 10.57 -13.14
N TYR A 276 -2.12 10.52 -11.86
CA TYR A 276 -1.29 11.08 -10.82
C TYR A 276 0.12 10.50 -10.80
N LEU A 277 0.25 9.19 -11.00
CA LEU A 277 1.57 8.56 -11.03
C LEU A 277 2.39 9.19 -12.15
N HIS A 278 1.76 9.42 -13.31
CA HIS A 278 2.47 10.10 -14.41
C HIS A 278 2.87 11.52 -14.06
N GLN A 279 2.01 12.27 -13.38
CA GLN A 279 2.36 13.62 -12.95
C GLN A 279 3.54 13.64 -11.97
N CYS A 280 3.63 12.66 -11.06
CA CYS A 280 4.76 12.58 -10.13
C CYS A 280 6.05 12.35 -10.92
N VAL A 281 6.04 11.40 -11.85
CA VAL A 281 7.23 11.17 -12.66
C VAL A 281 7.62 12.42 -13.46
N ARG A 282 6.61 13.06 -14.05
CA ARG A 282 6.85 14.25 -14.84
C ARG A 282 7.58 15.28 -13.99
N ASP A 283 7.04 15.47 -12.78
CA ASP A 283 7.60 16.47 -11.88
C ASP A 283 9.03 16.18 -11.41
N VAL A 284 9.33 14.93 -11.04
CA VAL A 284 10.69 14.57 -10.69
C VAL A 284 11.64 14.82 -11.86
N LEU A 285 11.22 14.39 -13.06
CA LEU A 285 12.09 14.48 -14.22
C LEU A 285 12.35 15.91 -14.68
N ARG A 286 11.34 16.76 -14.54
CA ARG A 286 11.48 18.18 -14.87
C ARG A 286 12.56 18.82 -14.01
N ALA A 287 12.60 18.44 -12.74
CA ALA A 287 13.57 19.01 -11.82
C ALA A 287 14.94 18.54 -12.21
N ARG A 288 15.02 17.24 -12.51
CA ARG A 288 16.28 16.62 -12.76
C ARG A 288 16.91 17.13 -14.04
N LYS A 289 16.09 17.45 -15.03
CA LYS A 289 16.60 17.93 -16.31
C LYS A 289 17.50 19.16 -16.14
N LEU A 290 17.25 20.03 -15.28
CA LEU A 290 17.97 21.27 -15.02
C LEU A 290 19.04 21.08 -13.97
N ARG A 291 19.19 19.99 -13.31
CA ARG A 291 20.20 19.80 -12.28
C ARG A 291 21.30 18.79 -12.66
#